data_4WO0
#
_entry.id   4WO0
#
_cell.length_a   42.660
_cell.length_b   85.739
_cell.length_c   63.978
_cell.angle_alpha   90.00
_cell.angle_beta   90.00
_cell.angle_gamma   90.00
#
_symmetry.space_group_name_H-M   'P 21 21 2'
#
loop_
_entity.id
_entity.type
_entity.pdbx_description
1 polymer Transthyretin
2 non-polymer 5,7-dihydroxy-2-(4-hydroxyphenyl)-4H-chromen-4-one
3 water water
#
_entity_poly.entity_id   1
_entity_poly.type   'polypeptide(L)'
_entity_poly.pdbx_seq_one_letter_code
;GPTGTGESKCPLMVKVLDAVRGSPAINVAVHVFRKAADDTWEPFASGKTSESGELHGLTTEEEFVEGIYKVEIDTKSYWK
ALGISPFHEHAEVVFTANDSGPRRYTIAALLSPYSYSTTAVVTNPKE
;
_entity_poly.pdbx_strand_id   A,B
#
loop_
_chem_comp.id
_chem_comp.type
_chem_comp.name
_chem_comp.formula
AGI non-polymer 5,7-dihydroxy-2-(4-hydroxyphenyl)-4H-chromen-4-one 'C15 H10 O5'
#
# COMPACT_ATOMS: atom_id res chain seq x y z
N CYS A 10 8.83 -18.18 13.53
CA CYS A 10 8.19 -16.92 13.19
C CYS A 10 8.77 -16.33 11.91
N PRO A 11 8.35 -16.86 10.75
CA PRO A 11 8.93 -16.31 9.51
C PRO A 11 8.23 -15.07 8.97
N LEU A 12 7.15 -14.63 9.60
CA LEU A 12 6.45 -13.42 9.17
C LEU A 12 6.06 -12.62 10.40
N MET A 13 6.57 -11.40 10.53
CA MET A 13 6.26 -10.52 11.65
C MET A 13 5.84 -9.16 11.12
N VAL A 14 4.90 -8.52 11.80
CA VAL A 14 4.46 -7.20 11.38
C VAL A 14 4.64 -6.24 12.55
N LYS A 15 5.22 -5.08 12.27
CA LYS A 15 5.48 -4.07 13.30
C LYS A 15 4.92 -2.73 12.83
N VAL A 16 4.16 -2.05 13.70
CA VAL A 16 3.48 -0.83 13.28
C VAL A 16 3.74 0.27 14.30
N LEU A 17 4.09 1.45 13.80
CA LEU A 17 4.35 2.64 14.61
C LEU A 17 3.40 3.76 14.26
N ASP A 18 3.12 4.60 15.26
CA ASP A 18 2.26 5.76 15.13
C ASP A 18 3.11 7.03 15.09
N ALA A 19 3.06 7.76 13.98
CA ALA A 19 3.91 8.92 13.76
C ALA A 19 3.33 10.20 14.38
N VAL A 20 2.09 10.15 14.85
CA VAL A 20 1.46 11.28 15.52
C VAL A 20 1.82 11.29 16.99
N ARG A 21 1.81 10.11 17.61
CA ARG A 21 2.02 9.94 19.04
C ARG A 21 3.47 9.65 19.38
N GLY A 22 4.24 9.16 18.40
CA GLY A 22 5.59 8.70 18.71
C GLY A 22 5.55 7.46 19.58
N SER A 23 4.80 6.46 19.15
CA SER A 23 4.52 5.28 19.96
C SER A 23 4.31 4.07 19.07
N PRO A 24 4.39 2.87 19.64
CA PRO A 24 3.85 1.74 18.90
C PRO A 24 2.38 1.98 18.56
N ALA A 25 1.93 1.43 17.44
CA ALA A 25 0.52 1.45 17.09
C ALA A 25 -0.10 0.15 17.61
N ILE A 26 -0.88 0.24 18.68
CA ILE A 26 -1.35 -0.96 19.37
C ILE A 26 -2.74 -1.33 18.86
N ASN A 27 -3.04 -2.63 18.88
CA ASN A 27 -4.36 -3.14 18.50
C ASN A 27 -4.69 -2.84 17.05
N VAL A 28 -3.69 -2.87 16.19
CA VAL A 28 -3.93 -2.72 14.76
C VAL A 28 -4.25 -4.10 14.18
N ALA A 29 -5.40 -4.23 13.53
CA ALA A 29 -5.77 -5.49 12.88
C ALA A 29 -4.97 -5.68 11.60
N VAL A 30 -4.51 -6.91 11.40
CA VAL A 30 -3.74 -7.28 10.21
C VAL A 30 -4.30 -8.56 9.61
N HIS A 31 -4.56 -8.55 8.29
CA HIS A 31 -5.04 -9.74 7.59
C HIS A 31 -4.05 -10.08 6.49
N VAL A 32 -3.64 -11.34 6.45
CA VAL A 32 -2.70 -11.80 5.44
C VAL A 32 -3.45 -12.71 4.46
N PHE A 33 -3.18 -12.52 3.18
CA PHE A 33 -3.77 -13.32 2.11
C PHE A 33 -2.67 -13.90 1.25
N ARG A 34 -2.97 -15.00 0.59
CA ARG A 34 -2.04 -15.63 -0.34
C ARG A 34 -2.75 -15.86 -1.66
N LYS A 35 -2.12 -15.50 -2.76
CA LYS A 35 -2.75 -15.70 -4.06
C LYS A 35 -2.90 -17.18 -4.40
N ALA A 36 -4.14 -17.59 -4.69
CA ALA A 36 -4.44 -18.99 -5.00
C ALA A 36 -4.12 -19.32 -6.45
N ALA A 37 -4.19 -20.61 -6.77
CA ALA A 37 -3.93 -21.09 -8.13
C ALA A 37 -4.91 -20.49 -9.14
N ASP A 38 -6.10 -20.13 -8.66
CA ASP A 38 -7.12 -19.53 -9.52
C ASP A 38 -7.04 -18.00 -9.52
N ASP A 39 -5.97 -17.46 -8.94
CA ASP A 39 -5.67 -16.02 -8.95
C ASP A 39 -6.58 -15.17 -8.07
N THR A 40 -7.16 -15.77 -7.04
CA THR A 40 -7.91 -15.00 -6.03
C THR A 40 -7.08 -14.89 -4.76
N TRP A 41 -7.47 -13.97 -3.86
CA TRP A 41 -6.76 -13.78 -2.60
C TRP A 41 -7.35 -14.63 -1.48
N GLU A 42 -6.70 -15.74 -1.17
CA GLU A 42 -7.19 -16.62 -0.12
C GLU A 42 -6.74 -16.15 1.25
N PRO A 43 -7.66 -16.10 2.22
CA PRO A 43 -7.25 -15.73 3.58
C PRO A 43 -6.20 -16.70 4.12
N PHE A 44 -5.12 -16.16 4.69
CA PHE A 44 -3.99 -16.99 5.10
C PHE A 44 -3.77 -16.96 6.61
N ALA A 45 -3.80 -15.76 7.19
CA ALA A 45 -3.63 -15.61 8.64
C ALA A 45 -4.08 -14.22 9.03
N SER A 46 -4.40 -14.02 10.29
CA SER A 46 -4.70 -12.67 10.76
C SER A 46 -4.37 -12.54 12.23
N GLY A 47 -4.28 -11.30 12.71
CA GLY A 47 -3.96 -11.05 14.10
C GLY A 47 -4.02 -9.56 14.38
N LYS A 48 -3.58 -9.14 15.55
CA LYS A 48 -3.54 -7.72 15.85
C LYS A 48 -2.25 -7.39 16.58
N THR A 49 -1.77 -6.16 16.42
CA THR A 49 -0.53 -5.78 17.09
C THR A 49 -0.70 -5.67 18.61
N SER A 50 0.36 -6.04 19.31
CA SER A 50 0.41 -6.00 20.77
C SER A 50 0.70 -4.59 21.29
N GLU A 51 0.91 -4.48 22.59
CA GLU A 51 1.26 -3.20 23.21
C GLU A 51 2.61 -2.68 22.71
N SER A 52 3.43 -3.56 22.14
CA SER A 52 4.71 -3.18 21.55
C SER A 52 4.58 -2.78 20.10
N GLY A 53 3.37 -2.86 19.54
CA GLY A 53 3.15 -2.59 18.13
C GLY A 53 3.55 -3.73 17.23
N GLU A 54 3.81 -4.89 17.81
CA GLU A 54 4.27 -6.04 17.05
C GLU A 54 3.22 -7.14 16.97
N LEU A 55 3.24 -7.86 15.86
CA LEU A 55 2.36 -9.00 15.66
C LEU A 55 3.20 -10.21 15.31
N HIS A 56 3.24 -11.15 16.25
CA HIS A 56 4.01 -12.39 16.12
C HIS A 56 3.05 -13.56 15.98
N GLY A 57 3.58 -14.70 15.53
CA GLY A 57 2.81 -15.94 15.52
C GLY A 57 1.78 -16.06 14.42
N LEU A 58 1.88 -15.26 13.36
CA LEU A 58 0.91 -15.35 12.27
C LEU A 58 0.95 -16.71 11.58
N THR A 59 2.14 -17.29 11.42
CA THR A 59 2.25 -18.51 10.64
C THR A 59 3.46 -19.31 11.10
N THR A 60 3.72 -20.42 10.40
CA THR A 60 4.80 -21.34 10.73
C THR A 60 5.69 -21.51 9.51
N GLU A 61 6.92 -21.98 9.72
CA GLU A 61 7.82 -22.26 8.60
C GLU A 61 7.19 -23.25 7.61
N GLU A 62 6.47 -24.26 8.12
CA GLU A 62 5.85 -25.26 7.25
C GLU A 62 4.74 -24.66 6.40
N GLU A 63 3.94 -23.79 7.00
CA GLU A 63 2.73 -23.28 6.35
C GLU A 63 3.06 -22.13 5.39
N PHE A 64 4.12 -21.39 5.70
CA PHE A 64 4.50 -20.21 4.92
C PHE A 64 5.35 -20.61 3.71
N VAL A 65 4.66 -21.23 2.74
CA VAL A 65 5.29 -21.72 1.53
C VAL A 65 5.51 -20.58 0.54
N GLU A 66 6.16 -20.88 -0.58
CA GLU A 66 6.28 -19.92 -1.67
C GLU A 66 4.93 -19.38 -2.05
N GLY A 67 4.87 -18.12 -2.45
CA GLY A 67 3.63 -17.58 -2.95
C GLY A 67 3.71 -16.08 -3.03
N ILE A 68 2.64 -15.47 -3.53
CA ILE A 68 2.48 -14.03 -3.49
C ILE A 68 1.54 -13.74 -2.33
N TYR A 69 2.00 -12.93 -1.39
CA TYR A 69 1.26 -12.64 -0.17
C TYR A 69 0.86 -11.18 -0.13
N LYS A 70 -0.29 -10.91 0.47
CA LYS A 70 -0.76 -9.56 0.69
C LYS A 70 -0.98 -9.38 2.17
N VAL A 71 -0.27 -8.45 2.76
CA VAL A 71 -0.45 -8.08 4.16
C VAL A 71 -1.27 -6.80 4.21
N GLU A 72 -2.50 -6.91 4.68
CA GLU A 72 -3.39 -5.77 4.78
C GLU A 72 -3.41 -5.27 6.22
N ILE A 73 -2.99 -4.04 6.40
CA ILE A 73 -2.91 -3.43 7.73
C ILE A 73 -4.08 -2.47 7.84
N ASP A 74 -4.95 -2.70 8.83
CA ASP A 74 -6.24 -1.99 8.85
C ASP A 74 -6.12 -0.63 9.55
N THR A 75 -5.52 0.29 8.81
CA THR A 75 -5.18 1.60 9.32
C THR A 75 -6.44 2.44 9.60
N LYS A 76 -7.46 2.33 8.76
CA LYS A 76 -8.67 3.11 8.99
C LYS A 76 -9.33 2.72 10.31
N SER A 77 -9.46 1.41 10.53
CA SER A 77 -10.04 0.92 11.77
C SER A 77 -9.22 1.37 12.98
N TYR A 78 -7.90 1.41 12.83
CA TYR A 78 -7.01 1.93 13.87
C TYR A 78 -7.29 3.39 14.21
N TRP A 79 -7.25 4.27 13.21
CA TRP A 79 -7.47 5.69 13.40
C TRP A 79 -8.89 5.97 13.91
N LYS A 80 -9.88 5.28 13.36
CA LYS A 80 -11.28 5.51 13.76
C LYS A 80 -11.53 5.10 15.21
N ALA A 81 -10.86 4.03 15.65
CA ALA A 81 -10.94 3.59 17.03
C ALA A 81 -10.33 4.64 17.97
N LEU A 82 -9.52 5.53 17.40
CA LEU A 82 -8.90 6.61 18.18
C LEU A 82 -9.62 7.95 17.98
N GLY A 83 -10.76 7.92 17.30
CA GLY A 83 -11.57 9.11 17.11
C GLY A 83 -11.08 10.02 15.99
N ILE A 84 -10.36 9.42 15.05
CA ILE A 84 -9.74 10.16 13.93
C ILE A 84 -10.30 9.68 12.60
N SER A 85 -10.57 10.61 11.68
CA SER A 85 -11.01 10.27 10.32
C SER A 85 -9.84 10.27 9.34
N PRO A 86 -9.31 9.09 9.00
CA PRO A 86 -8.11 9.06 8.15
C PRO A 86 -8.40 8.99 6.64
N PHE A 87 -7.36 9.06 5.84
CA PHE A 87 -7.51 9.04 4.39
C PHE A 87 -7.64 7.63 3.78
N HIS A 88 -6.74 6.73 4.15
CA HIS A 88 -6.67 5.42 3.52
C HIS A 88 -7.61 4.42 4.16
N GLU A 89 -8.03 3.45 3.36
CA GLU A 89 -8.82 2.34 3.88
C GLU A 89 -7.93 1.41 4.69
N HIS A 90 -6.78 1.08 4.12
CA HIS A 90 -5.82 0.22 4.78
C HIS A 90 -4.52 0.37 4.05
N ALA A 91 -3.45 -0.20 4.60
CA ALA A 91 -2.19 -0.26 3.88
C ALA A 91 -2.05 -1.69 3.39
N GLU A 92 -1.70 -1.86 2.12
CA GLU A 92 -1.54 -3.17 1.52
C GLU A 92 -0.09 -3.39 1.13
N VAL A 93 0.49 -4.49 1.59
CA VAL A 93 1.86 -4.81 1.26
C VAL A 93 1.87 -6.13 0.51
N VAL A 94 2.26 -6.08 -0.76
CA VAL A 94 2.13 -7.26 -1.63
C VAL A 94 3.50 -7.67 -2.14
N PHE A 95 3.88 -8.93 -1.92
CA PHE A 95 5.23 -9.41 -2.24
C PHE A 95 5.28 -10.90 -2.47
N THR A 96 6.22 -11.31 -3.31
CA THR A 96 6.57 -12.71 -3.45
C THR A 96 7.47 -13.14 -2.31
N ALA A 97 7.14 -14.27 -1.67
CA ALA A 97 7.92 -14.77 -0.55
C ALA A 97 8.52 -16.12 -0.86
N ASN A 98 9.73 -16.35 -0.34
CA ASN A 98 10.42 -17.64 -0.30
C ASN A 98 10.83 -18.19 -1.67
N ASP A 99 10.97 -17.29 -2.65
CA ASP A 99 11.35 -17.68 -4.02
C ASP A 99 12.75 -18.29 -4.11
N SER A 100 13.62 -17.92 -3.18
CA SER A 100 14.98 -18.46 -3.15
C SER A 100 15.20 -19.32 -1.91
N GLY A 101 14.13 -19.88 -1.39
CA GLY A 101 14.18 -20.63 -0.14
C GLY A 101 13.60 -19.82 0.99
N PRO A 102 13.42 -20.46 2.15
CA PRO A 102 12.80 -19.79 3.30
C PRO A 102 13.56 -18.55 3.74
N ARG A 103 12.83 -17.47 3.95
CA ARG A 103 13.37 -16.27 4.57
C ARG A 103 12.47 -15.84 5.73
N ARG A 104 13.01 -14.96 6.57
CA ARG A 104 12.21 -14.32 7.61
C ARG A 104 11.90 -12.89 7.19
N TYR A 105 10.61 -12.55 7.25
CA TYR A 105 10.12 -11.25 6.79
C TYR A 105 9.56 -10.44 7.92
N THR A 106 10.07 -9.22 8.10
CA THR A 106 9.44 -8.25 8.96
C THR A 106 8.87 -7.15 8.09
N ILE A 107 7.57 -6.97 8.18
CA ILE A 107 6.89 -5.88 7.49
C ILE A 107 6.64 -4.78 8.50
N ALA A 108 7.25 -3.63 8.28
CA ALA A 108 7.09 -2.51 9.19
C ALA A 108 6.27 -1.43 8.52
N ALA A 109 5.47 -0.72 9.32
CA ALA A 109 4.66 0.37 8.78
C ALA A 109 4.63 1.51 9.77
N LEU A 110 4.76 2.73 9.25
CA LEU A 110 4.71 3.95 10.05
C LEU A 110 3.50 4.76 9.60
N LEU A 111 2.57 5.01 10.53
CA LEU A 111 1.26 5.56 10.18
C LEU A 111 1.04 7.02 10.57
N SER A 112 0.50 7.78 9.62
CA SER A 112 -0.07 9.10 9.88
C SER A 112 -1.48 9.11 9.29
N PRO A 113 -2.34 10.06 9.69
CA PRO A 113 -3.71 10.03 9.17
C PRO A 113 -3.81 10.11 7.65
N TYR A 114 -2.94 10.84 6.97
CA TYR A 114 -3.04 10.95 5.51
C TYR A 114 -1.82 10.39 4.79
N SER A 115 -1.06 9.55 5.47
CA SER A 115 0.20 9.05 4.91
C SER A 115 0.67 7.82 5.63
N TYR A 116 1.32 6.90 4.92
CA TYR A 116 2.05 5.84 5.61
C TYR A 116 3.27 5.45 4.82
N SER A 117 4.24 4.86 5.53
N SER A 117 4.24 4.89 5.52
CA SER A 117 5.44 4.32 4.92
CA SER A 117 5.33 4.25 4.83
C SER A 117 5.64 2.87 5.36
C SER A 117 5.36 2.80 5.26
N THR A 118 6.02 1.99 4.44
CA THR A 118 6.23 0.60 4.79
C THR A 118 7.58 0.15 4.28
N THR A 119 8.27 -0.67 5.04
N THR A 119 8.23 -0.70 5.06
CA THR A 119 9.54 -1.25 4.59
CA THR A 119 9.48 -1.31 4.68
C THR A 119 9.59 -2.70 5.03
C THR A 119 9.38 -2.80 4.84
N ALA A 120 10.37 -3.49 4.29
CA ALA A 120 10.54 -4.90 4.59
C ALA A 120 11.97 -5.14 5.03
N VAL A 121 12.14 -5.91 6.10
CA VAL A 121 13.44 -6.40 6.51
C VAL A 121 13.42 -7.89 6.29
N VAL A 122 14.29 -8.37 5.42
CA VAL A 122 14.29 -9.77 5.02
C VAL A 122 15.62 -10.38 5.42
N THR A 123 15.56 -11.45 6.21
CA THR A 123 16.78 -12.07 6.72
C THR A 123 16.84 -13.55 6.42
N ASN A 124 18.07 -14.03 6.54
CA ASN A 124 18.54 -15.39 6.24
C ASN A 124 18.12 -15.91 4.88
N CYS B 10 -8.97 18.01 -13.65
CA CYS B 10 -8.96 16.64 -13.15
C CYS B 10 -8.81 16.61 -11.63
N PRO B 11 -9.66 15.80 -10.98
CA PRO B 11 -9.72 15.69 -9.52
C PRO B 11 -8.74 14.68 -8.94
N LEU B 12 -8.01 13.95 -9.79
CA LEU B 12 -7.10 12.92 -9.33
C LEU B 12 -5.78 12.99 -10.11
N MET B 13 -4.68 13.18 -9.39
CA MET B 13 -3.35 13.17 -10.00
C MET B 13 -2.46 12.20 -9.22
N VAL B 14 -1.55 11.54 -9.91
CA VAL B 14 -0.61 10.63 -9.25
C VAL B 14 0.81 11.10 -9.52
N LYS B 15 1.61 11.19 -8.47
CA LYS B 15 3.01 11.60 -8.59
C LYS B 15 3.92 10.59 -7.95
N VAL B 16 4.98 10.20 -8.67
CA VAL B 16 5.86 9.13 -8.19
C VAL B 16 7.31 9.58 -8.26
N LEU B 17 8.02 9.36 -7.15
CA LEU B 17 9.43 9.78 -7.00
C LEU B 17 10.30 8.58 -6.70
N ASP B 18 11.56 8.67 -7.11
CA ASP B 18 12.55 7.61 -6.97
C ASP B 18 13.57 8.05 -5.91
N ALA B 19 13.62 7.33 -4.78
CA ALA B 19 14.49 7.68 -3.66
C ALA B 19 15.89 7.17 -3.81
N VAL B 20 16.14 6.33 -4.80
CA VAL B 20 17.49 5.82 -5.05
C VAL B 20 18.26 6.77 -5.95
N ARG B 21 17.61 7.27 -6.99
CA ARG B 21 18.26 8.15 -7.95
C ARG B 21 17.99 9.62 -7.67
N GLY B 22 17.03 9.91 -6.81
CA GLY B 22 16.70 11.31 -6.53
C GLY B 22 16.09 11.98 -7.75
N SER B 23 15.06 11.35 -8.29
CA SER B 23 14.47 11.79 -9.54
C SER B 23 12.99 11.49 -9.57
N PRO B 24 12.26 12.11 -10.49
CA PRO B 24 10.94 11.56 -10.77
C PRO B 24 11.05 10.11 -11.22
N ALA B 25 10.02 9.33 -10.92
CA ALA B 25 9.94 7.95 -11.44
C ALA B 25 9.16 8.00 -12.75
N ILE B 26 9.89 7.83 -13.85
CA ILE B 26 9.38 8.03 -15.20
C ILE B 26 8.89 6.73 -15.82
N ASN B 27 7.78 6.79 -16.56
CA ASN B 27 7.26 5.65 -17.30
C ASN B 27 6.83 4.51 -16.38
N VAL B 28 6.30 4.89 -15.22
CA VAL B 28 5.71 3.93 -14.29
C VAL B 28 4.24 3.71 -14.63
N ALA B 29 3.83 2.46 -14.80
CA ALA B 29 2.42 2.16 -15.05
C ALA B 29 1.60 2.32 -13.80
N VAL B 30 0.45 2.97 -13.95
CA VAL B 30 -0.47 3.20 -12.85
C VAL B 30 -1.87 2.78 -13.29
N HIS B 31 -2.53 1.97 -12.48
CA HIS B 31 -3.89 1.53 -12.74
C HIS B 31 -4.79 1.94 -11.60
N VAL B 32 -5.91 2.58 -11.94
CA VAL B 32 -6.91 2.98 -10.96
C VAL B 32 -8.14 2.10 -11.12
N PHE B 33 -8.68 1.65 -9.99
CA PHE B 33 -9.87 0.82 -9.93
C PHE B 33 -10.90 1.45 -9.01
N ARG B 34 -12.17 1.19 -9.29
CA ARG B 34 -13.24 1.61 -8.39
C ARG B 34 -13.92 0.36 -7.80
N LYS B 35 -14.21 0.38 -6.51
CA LYS B 35 -14.83 -0.78 -5.88
C LYS B 35 -16.31 -0.88 -6.29
N ALA B 36 -16.69 -2.02 -6.86
CA ALA B 36 -18.06 -2.23 -7.32
C ALA B 36 -18.94 -2.70 -6.18
N ALA B 37 -20.25 -2.80 -6.43
CA ALA B 37 -21.20 -3.18 -5.40
C ALA B 37 -20.96 -4.59 -4.85
N ASP B 38 -20.37 -5.44 -5.68
CA ASP B 38 -20.07 -6.82 -5.27
C ASP B 38 -18.63 -6.99 -4.74
N ASP B 39 -18.02 -5.87 -4.36
CA ASP B 39 -16.68 -5.82 -3.77
C ASP B 39 -15.55 -6.22 -4.73
N THR B 40 -15.83 -6.30 -6.02
CA THR B 40 -14.76 -6.52 -6.98
C THR B 40 -14.16 -5.17 -7.39
N TRP B 41 -12.97 -5.20 -7.97
CA TRP B 41 -12.31 -3.98 -8.40
C TRP B 41 -12.52 -3.77 -9.89
N GLU B 42 -13.24 -2.72 -10.23
CA GLU B 42 -13.56 -2.42 -11.63
C GLU B 42 -12.55 -1.44 -12.20
N PRO B 43 -11.92 -1.79 -13.33
CA PRO B 43 -11.00 -0.86 -13.98
C PRO B 43 -11.64 0.51 -14.18
N PHE B 44 -10.89 1.57 -13.89
CA PHE B 44 -11.44 2.92 -13.90
C PHE B 44 -10.63 3.84 -14.81
N ALA B 45 -9.32 3.82 -14.65
CA ALA B 45 -8.42 4.64 -15.46
C ALA B 45 -7.00 4.13 -15.31
N SER B 46 -6.14 4.46 -16.26
CA SER B 46 -4.74 4.08 -16.16
C SER B 46 -3.87 4.95 -17.06
N GLY B 47 -2.55 4.85 -16.86
CA GLY B 47 -1.61 5.57 -17.70
C GLY B 47 -0.20 5.29 -17.23
N LYS B 48 0.74 6.04 -17.77
CA LYS B 48 2.14 5.94 -17.35
C LYS B 48 2.64 7.29 -16.92
N THR B 49 3.44 7.34 -15.86
CA THR B 49 3.93 8.64 -15.43
C THR B 49 4.82 9.28 -16.48
N SER B 50 4.79 10.60 -16.51
CA SER B 50 5.53 11.41 -17.46
C SER B 50 6.98 11.59 -17.06
N GLU B 51 7.71 12.40 -17.84
CA GLU B 51 9.09 12.73 -17.51
C GLU B 51 9.24 13.44 -16.16
N SER B 52 8.15 14.02 -15.66
CA SER B 52 8.15 14.68 -14.36
C SER B 52 7.60 13.78 -13.27
N GLY B 53 7.33 12.51 -13.62
CA GLY B 53 6.86 11.55 -12.65
C GLY B 53 5.39 11.68 -12.32
N GLU B 54 4.68 12.45 -13.14
CA GLU B 54 3.27 12.73 -12.87
C GLU B 54 2.36 12.10 -13.91
N LEU B 55 1.15 11.81 -13.48
CA LEU B 55 0.14 11.26 -14.35
C LEU B 55 -1.12 12.09 -14.17
N HIS B 56 -1.41 12.88 -15.20
CA HIS B 56 -2.53 13.81 -15.22
C HIS B 56 -3.63 13.27 -16.11
N GLY B 57 -4.82 13.84 -15.97
CA GLY B 57 -5.93 13.54 -16.86
C GLY B 57 -6.54 12.14 -16.75
N LEU B 58 -6.37 11.50 -15.61
CA LEU B 58 -6.92 10.17 -15.42
C LEU B 58 -8.44 10.14 -15.49
N THR B 59 -9.08 11.17 -14.95
CA THR B 59 -10.54 11.16 -14.88
C THR B 59 -11.08 12.58 -14.93
N THR B 60 -12.40 12.70 -14.83
CA THR B 60 -13.05 14.01 -14.81
C THR B 60 -13.90 14.14 -13.56
N GLU B 61 -14.30 15.36 -13.25
CA GLU B 61 -15.18 15.60 -12.11
C GLU B 61 -16.45 14.77 -12.26
N GLU B 62 -17.00 14.71 -13.47
CA GLU B 62 -18.27 14.02 -13.67
C GLU B 62 -18.14 12.52 -13.40
N GLU B 63 -17.00 11.93 -13.74
CA GLU B 63 -16.81 10.49 -13.58
C GLU B 63 -16.36 10.07 -12.18
N PHE B 64 -15.68 10.96 -11.48
CA PHE B 64 -15.03 10.63 -10.21
C PHE B 64 -15.97 10.79 -9.01
N VAL B 65 -16.97 9.93 -8.95
CA VAL B 65 -17.97 10.00 -7.88
C VAL B 65 -17.45 9.40 -6.58
N GLU B 66 -18.15 9.68 -5.50
CA GLU B 66 -17.78 9.12 -4.20
C GLU B 66 -17.72 7.60 -4.28
N GLY B 67 -16.79 7.03 -3.53
CA GLY B 67 -16.65 5.58 -3.50
C GLY B 67 -15.24 5.23 -3.10
N ILE B 68 -14.95 3.93 -3.04
CA ILE B 68 -13.60 3.47 -2.72
C ILE B 68 -12.83 3.21 -4.00
N TYR B 69 -11.62 3.76 -4.06
CA TYR B 69 -10.73 3.61 -5.20
C TYR B 69 -9.43 2.96 -4.78
N LYS B 70 -8.84 2.24 -5.72
CA LYS B 70 -7.51 1.65 -5.54
C LYS B 70 -6.60 2.15 -6.65
N VAL B 71 -5.44 2.69 -6.25
CA VAL B 71 -4.42 3.10 -7.18
C VAL B 71 -3.27 2.10 -7.07
N GLU B 72 -3.02 1.37 -8.15
CA GLU B 72 -1.95 0.38 -8.18
C GLU B 72 -0.80 0.91 -8.99
N ILE B 73 0.37 0.99 -8.36
CA ILE B 73 1.56 1.54 -9.01
C ILE B 73 2.51 0.37 -9.30
N ASP B 74 2.87 0.16 -10.57
CA ASP B 74 3.67 -1.04 -10.91
C ASP B 74 5.16 -0.77 -10.65
N THR B 75 5.49 -0.80 -9.37
CA THR B 75 6.84 -0.57 -8.90
C THR B 75 7.81 -1.68 -9.32
N LYS B 76 7.33 -2.93 -9.37
CA LYS B 76 8.25 -4.02 -9.71
C LYS B 76 8.87 -3.86 -11.10
N SER B 77 8.04 -3.55 -12.10
CA SER B 77 8.54 -3.36 -13.46
C SER B 77 9.47 -2.14 -13.54
N TYR B 78 9.18 -1.12 -12.74
CA TYR B 78 10.02 0.07 -12.71
C TYR B 78 11.44 -0.27 -12.26
N TRP B 79 11.57 -0.98 -11.15
CA TRP B 79 12.88 -1.33 -10.62
C TRP B 79 13.59 -2.31 -11.57
N LYS B 80 12.87 -3.26 -12.12
CA LYS B 80 13.51 -4.20 -13.05
C LYS B 80 14.05 -3.49 -14.31
N ALA B 81 13.36 -2.46 -14.78
CA ALA B 81 13.84 -1.74 -15.96
C ALA B 81 15.13 -0.96 -15.65
N LEU B 82 15.38 -0.73 -14.37
CA LEU B 82 16.59 -0.05 -13.94
C LEU B 82 17.66 -1.05 -13.51
N GLY B 83 17.38 -2.34 -13.69
CA GLY B 83 18.33 -3.37 -13.31
C GLY B 83 18.46 -3.57 -11.81
N ILE B 84 17.39 -3.26 -11.08
CA ILE B 84 17.42 -3.35 -9.62
C ILE B 84 16.40 -4.36 -9.12
N SER B 85 16.79 -5.16 -8.13
CA SER B 85 15.91 -6.18 -7.56
C SER B 85 14.98 -5.60 -6.49
N PRO B 86 13.66 -5.69 -6.72
CA PRO B 86 12.73 -5.09 -5.76
C PRO B 86 12.01 -6.08 -4.87
N PHE B 87 11.41 -5.58 -3.81
CA PHE B 87 10.65 -6.42 -2.89
C PHE B 87 9.17 -6.59 -3.25
N HIS B 88 8.50 -5.49 -3.52
CA HIS B 88 7.04 -5.52 -3.68
C HIS B 88 6.62 -5.87 -5.09
N GLU B 89 5.45 -6.50 -5.22
CA GLU B 89 4.85 -6.69 -6.54
C GLU B 89 4.39 -5.37 -7.12
N HIS B 90 3.83 -4.53 -6.27
CA HIS B 90 3.33 -3.22 -6.66
C HIS B 90 3.07 -2.42 -5.41
N ALA B 91 2.81 -1.14 -5.56
CA ALA B 91 2.34 -0.35 -4.44
C ALA B 91 0.85 -0.13 -4.62
N GLU B 92 0.08 -0.24 -3.55
CA GLU B 92 -1.36 -0.04 -3.61
C GLU B 92 -1.79 1.07 -2.67
N VAL B 93 -2.62 1.97 -3.17
CA VAL B 93 -3.17 3.03 -2.35
C VAL B 93 -4.68 2.94 -2.45
N VAL B 94 -5.33 2.68 -1.32
CA VAL B 94 -6.78 2.44 -1.30
C VAL B 94 -7.42 3.48 -0.40
N PHE B 95 -8.41 4.20 -0.94
CA PHE B 95 -8.98 5.34 -0.22
C PHE B 95 -10.42 5.57 -0.63
N THR B 96 -11.15 6.31 0.20
CA THR B 96 -12.51 6.74 -0.16
C THR B 96 -12.48 8.17 -0.67
N ALA B 97 -13.06 8.40 -1.85
CA ALA B 97 -13.28 9.75 -2.34
C ALA B 97 -14.53 10.27 -1.65
N ASN B 98 -14.44 11.46 -1.07
CA ASN B 98 -15.53 12.03 -0.31
C ASN B 98 -15.79 13.45 -0.76
N ASP B 99 -17.04 13.77 -1.11
CA ASP B 99 -17.33 15.08 -1.68
C ASP B 99 -17.27 16.18 -0.62
C ASP B 99 -17.27 16.18 -0.62
N SER B 100 -17.32 15.79 0.65
N SER B 100 -17.34 15.79 0.65
CA SER B 100 -17.29 16.73 1.76
CA SER B 100 -17.29 16.75 1.75
C SER B 100 -15.94 17.43 1.86
C SER B 100 -15.93 17.44 1.84
N GLY B 101 -14.87 16.70 1.58
CA GLY B 101 -13.53 17.26 1.64
C GLY B 101 -13.21 18.14 0.45
N PRO B 102 -11.96 18.60 0.36
CA PRO B 102 -11.48 19.38 -0.80
C PRO B 102 -11.58 18.56 -2.09
N ARG B 103 -11.56 19.22 -3.23
CA ARG B 103 -11.98 18.58 -4.48
C ARG B 103 -10.87 17.85 -5.22
N ARG B 104 -9.62 18.21 -4.97
CA ARG B 104 -8.51 17.69 -5.76
C ARG B 104 -7.63 16.75 -4.95
N TYR B 105 -7.42 15.55 -5.47
CA TYR B 105 -6.62 14.54 -4.80
C TYR B 105 -5.30 14.33 -5.53
N THR B 106 -4.18 14.53 -4.85
CA THR B 106 -2.90 14.10 -5.37
C THR B 106 -2.42 12.92 -4.54
N ILE B 107 -2.21 11.80 -5.20
CA ILE B 107 -1.65 10.62 -4.56
C ILE B 107 -0.17 10.59 -4.88
N ALA B 108 0.67 10.76 -3.88
CA ALA B 108 2.11 10.79 -4.13
C ALA B 108 2.76 9.55 -3.54
N ALA B 109 3.77 9.02 -4.21
CA ALA B 109 4.51 7.87 -3.70
C ALA B 109 6.00 8.06 -3.90
N LEU B 110 6.76 7.72 -2.87
CA LEU B 110 8.22 7.79 -2.89
C LEU B 110 8.74 6.37 -2.80
N LEU B 111 9.47 5.95 -3.84
CA LEU B 111 9.84 4.54 -4.01
C LEU B 111 11.29 4.20 -3.69
N SER B 112 11.48 3.14 -2.91
CA SER B 112 12.78 2.48 -2.74
C SER B 112 12.61 0.99 -3.04
N PRO B 113 13.71 0.27 -3.26
CA PRO B 113 13.52 -1.14 -3.63
C PRO B 113 12.79 -1.98 -2.57
N TYR B 114 13.01 -1.73 -1.28
CA TYR B 114 12.35 -2.52 -0.23
C TYR B 114 11.41 -1.69 0.65
N SER B 115 11.03 -0.51 0.18
CA SER B 115 10.21 0.40 0.95
C SER B 115 9.46 1.37 0.05
N TYR B 116 8.27 1.79 0.46
CA TYR B 116 7.70 2.97 -0.17
C TYR B 116 6.88 3.75 0.82
N SER B 117 6.72 5.03 0.53
N SER B 117 6.75 5.03 0.53
CA SER B 117 5.94 5.93 1.37
CA SER B 117 5.94 5.93 1.31
C SER B 117 4.94 6.68 0.50
C SER B 117 4.85 6.42 0.39
N THR B 118 3.69 6.74 0.95
CA THR B 118 2.66 7.39 0.15
C THR B 118 1.92 8.40 1.00
N THR B 119 1.52 9.51 0.41
N THR B 119 1.46 9.56 0.47
CA THR B 119 0.73 10.50 1.11
CA THR B 119 0.67 10.54 1.18
C THR B 119 -0.33 11.02 0.17
C THR B 119 -0.39 11.07 0.23
N ALA B 120 -1.34 11.63 0.75
CA ALA B 120 -2.40 12.27 -0.02
C ALA B 120 -2.32 13.76 0.23
N VAL B 121 -2.39 14.53 -0.84
CA VAL B 121 -2.47 15.97 -0.74
C VAL B 121 -3.83 16.35 -1.31
N VAL B 122 -4.73 16.77 -0.43
CA VAL B 122 -6.12 17.01 -0.82
C VAL B 122 -6.42 18.48 -0.70
N THR B 123 -6.69 19.13 -1.82
CA THR B 123 -6.79 20.58 -1.87
C THR B 123 -7.99 21.09 -2.68
N ASN B 124 -8.28 22.38 -2.50
CA ASN B 124 -9.30 23.05 -3.31
C ASN B 124 -8.67 23.95 -4.36
CAG AGI C . 11.32 1.28 13.17
CAE AGI C . 11.69 0.45 14.22
CAM AGI C . 11.70 -0.91 14.05
OAB AGI C . 12.06 -1.73 15.08
CAF AGI C . 11.36 -1.47 12.82
CAH AGI C . 10.99 -0.65 11.76
CAP AGI C . 10.98 0.73 11.94
CAQ AGI C . 10.62 1.58 10.93
OAL AGI C . 10.98 2.87 11.12
CAJ AGI C . 9.90 1.13 9.82
CAR AGI C . 9.55 2.05 8.85
OAA AGI C . 8.91 1.71 7.86
CAT AGI C . 9.90 3.37 9.06
CAS AGI C . 10.61 3.79 10.18
CAK AGI C . 10.94 5.12 10.35
CAN AGI C . 10.56 6.05 9.39
OAC AGI C . 10.89 7.35 9.58
CAI AGI C . 9.84 5.65 8.27
CAO AGI C . 9.53 4.30 8.12
OAD AGI C . 8.84 3.82 7.05
CAG AGI D . 6.80 15.80 -3.58
CAE AGI D . 6.46 16.76 -4.53
CAM AGI D . 5.13 16.93 -4.89
OAB AGI D . 4.79 17.87 -5.82
CAF AGI D . 4.15 16.14 -4.32
CAH AGI D . 4.50 15.17 -3.38
CAP AGI D . 5.82 15.01 -3.01
CAQ AGI D . 6.15 14.04 -2.07
OAL AGI D . 7.31 14.20 -1.40
CAJ AGI D . 5.31 12.95 -1.88
CAR AGI D . 5.64 11.99 -0.97
OAA AGI D . 4.91 11.02 -0.80
CAT AGI D . 6.82 12.14 -0.26
CAS AGI D . 7.66 13.24 -0.48
CAK AGI D . 8.83 13.37 0.24
CAN AGI D . 9.18 12.41 1.16
OAC AGI D . 10.34 12.55 1.85
CAI AGI D . 8.37 11.31 1.39
CAO AGI D . 7.19 11.18 0.67
OAD AGI D . 6.34 10.13 0.83
#